data_7MM9
#
_entry.id   7MM9
#
_cell.length_a   54.600
_cell.length_b   58.614
_cell.length_c   59.958
_cell.angle_alpha   90.000
_cell.angle_beta   90.000
_cell.angle_gamma   90.000
#
_symmetry.space_group_name_H-M   'P 21 21 21'
#
loop_
_entity.id
_entity.type
_entity.pdbx_description
1 polymer 'NS3 protease'
2 non-polymer 'ZINC ION'
3 non-polymer '3,3-difluorocyclobutyl {(2R,4S,6S,12Z,13aS,14aR,16aS)-2-[(7-methoxy-3-methylquinoxalin-2-yl)oxy]-14a-[(1-methylcyclopropane-1-sulfonyl)carbamoyl]-5,16-dioxo-1,2,3,5,6,7,8,9,10,11,13a,14,14a,15,16,16a-hexadecahydrocyclopropa[e]pyrrolo[1,2-a][1,4]diazacyclopentadecin-6-yl}carbamate'
4 non-polymer 1,2-ETHANEDIOL
5 non-polymer 'SULFATE ION'
6 water water
#
_entity_poly.entity_id   1
_entity_poly.type   'polypeptide(L)'
_entity_poly.pdbx_seq_one_letter_code
;HMASMKKKGSVVIVGRINLSGDTAYAQQTRGEEGCQETSQTGRDKNQVEGEVQIVSTATQTFLATSINGVLWTVYHGAGT
RTIASPKGPVTQMYTNVDKDLVGWQAPQGSRSLTPCTCGSSDLYLVTRHADVIPVRRRGDSRGSLLSPRPISYLKGSSGG
PLLCPAGHAVGIFRAAVSTRGVAKAVDFIPVESLETTMRS
;
_entity_poly.pdbx_strand_id   A
#
loop_
_chem_comp.id
_chem_comp.type
_chem_comp.name
_chem_comp.formula
EDO non-polymer 1,2-ETHANEDIOL 'C2 H6 O2'
SO4 non-polymer 'SULFATE ION' 'O4 S -2'
ZJJ non-polymer '3,3-difluorocyclobutyl {(2R,4S,6S,12Z,13aS,14aR,16aS)-2-[(7-methoxy-3-methylquinoxalin-2-yl)oxy]-14a-[(1-methylcyclopropane-1-sulfonyl)carbamoyl]-5,16-dioxo-1,2,3,5,6,7,8,9,10,11,13a,14,14a,15,16,16a-hexadecahydrocyclopropa[e]pyrrolo[1,2-a][1,4]diazacyclopentadecin-6-yl}carbamate' 'C37 H46 F2 N6 O9 S'
ZN non-polymer 'ZINC ION' 'Zn 2'
#
# COMPACT_ATOMS: atom_id res chain seq x y z
N HIS A 1 -32.80 -5.51 9.47
CA HIS A 1 -33.65 -4.33 9.69
C HIS A 1 -32.83 -3.05 9.60
N MET A 2 -33.51 -1.93 9.38
CA MET A 2 -32.82 -0.67 9.18
C MET A 2 -32.13 -0.19 10.45
N ALA A 3 -32.78 -0.37 11.60
CA ALA A 3 -32.19 0.08 12.85
C ALA A 3 -30.93 -0.69 13.22
N SER A 4 -30.74 -1.88 12.68
CA SER A 4 -29.63 -2.75 13.06
C SER A 4 -28.51 -2.77 12.03
N MET A 5 -28.67 -2.07 10.90
CA MET A 5 -27.64 -2.08 9.88
C MET A 5 -26.34 -1.53 10.46
N LYS A 6 -25.24 -2.25 10.25
CA LYS A 6 -23.95 -1.91 10.80
C LYS A 6 -23.10 -1.11 9.81
N LYS A 7 -21.98 -0.60 10.31
CA LYS A 7 -21.03 0.18 9.52
C LYS A 7 -19.73 -0.60 9.42
N LYS A 8 -19.16 -0.63 8.22
CA LYS A 8 -17.80 -1.14 8.07
C LYS A 8 -16.83 -0.14 8.69
N GLY A 9 -15.81 -0.67 9.36
CA GLY A 9 -14.84 0.19 10.02
C GLY A 9 -13.87 0.83 9.04
N SER A 10 -13.07 1.75 9.57
CA SER A 10 -12.05 2.42 8.78
C SER A 10 -10.82 1.55 8.60
N VAL A 11 -10.10 1.78 7.51
CA VAL A 11 -8.72 1.29 7.41
C VAL A 11 -7.91 1.91 8.54
N VAL A 12 -6.96 1.15 9.07
CA VAL A 12 -6.17 1.60 10.21
C VAL A 12 -4.69 1.33 9.91
N ILE A 13 -3.86 2.34 10.16
CA ILE A 13 -2.41 2.18 10.07
C ILE A 13 -1.95 1.41 11.31
N VAL A 14 -1.32 0.26 11.08
CA VAL A 14 -0.82 -0.59 12.18
C VAL A 14 0.69 -0.71 12.17
N GLY A 15 1.37 -0.11 11.22
CA GLY A 15 2.81 -0.19 11.16
C GLY A 15 3.35 0.56 9.96
N ARG A 16 4.64 0.36 9.70
CA ARG A 16 5.29 1.00 8.58
C ARG A 16 6.51 0.19 8.19
N ILE A 17 6.94 0.38 6.94
CA ILE A 17 8.22 -0.14 6.48
C ILE A 17 9.24 0.99 6.60
N ASN A 18 10.28 0.75 7.39
CA ASN A 18 11.31 1.75 7.63
C ASN A 18 12.35 1.63 6.52
N LEU A 19 12.43 2.66 5.67
CA LEU A 19 13.47 2.75 4.65
C LEU A 19 14.42 3.90 4.91
N SER A 20 14.49 4.37 6.16
CA SER A 20 15.23 5.58 6.47
C SER A 20 16.73 5.36 6.36
N GLY A 21 17.22 4.28 6.94
CA GLY A 21 18.65 4.04 7.06
C GLY A 21 19.18 3.09 6.00
N ASP A 22 20.19 2.32 6.38
CA ASP A 22 20.85 1.38 5.49
C ASP A 22 20.16 0.02 5.42
N THR A 23 19.25 -0.28 6.35
CA THR A 23 18.58 -1.57 6.39
C THR A 23 17.07 -1.36 6.49
N ALA A 24 16.33 -2.09 5.67
CA ALA A 24 14.88 -1.99 5.65
C ALA A 24 14.29 -3.00 6.62
N TYR A 25 13.30 -2.56 7.40
CA TYR A 25 12.67 -3.45 8.36
C TYR A 25 11.28 -2.92 8.68
N ALA A 26 10.35 -3.84 8.92
CA ALA A 26 9.00 -3.48 9.30
C ALA A 26 8.91 -3.14 10.78
N GLN A 27 8.09 -2.14 11.10
CA GLN A 27 7.77 -1.79 12.47
C GLN A 27 6.26 -1.84 12.65
N GLN A 28 5.81 -2.50 13.71
CA GLN A 28 4.42 -2.42 14.09
C GLN A 28 4.22 -1.28 15.09
N THR A 29 3.16 -0.50 14.89
CA THR A 29 2.84 0.63 15.75
C THR A 29 1.54 0.46 16.50
N ARG A 30 0.76 -0.58 16.21
CA ARG A 30 -0.50 -0.82 16.91
C ARG A 30 -0.84 -2.30 16.83
N GLY A 31 -1.31 -2.85 17.94
CA GLY A 31 -1.68 -4.24 18.00
C GLY A 31 -3.11 -4.47 17.52
N GLU A 32 -3.49 -5.74 17.47
CA GLU A 32 -4.80 -6.11 16.91
C GLU A 32 -5.94 -5.49 17.71
N GLU A 33 -5.87 -5.57 19.04
CA GLU A 33 -6.94 -5.03 19.87
C GLU A 33 -7.13 -3.54 19.60
N GLY A 34 -6.04 -2.77 19.68
CA GLY A 34 -6.14 -1.36 19.37
C GLY A 34 -6.57 -1.10 17.93
N CYS A 35 -6.15 -1.97 17.01
CA CYS A 35 -6.56 -1.84 15.63
C CYS A 35 -8.07 -1.99 15.51
N GLN A 36 -8.63 -3.03 16.14
CA GLN A 36 -10.08 -3.23 16.10
C GLN A 36 -10.81 -2.00 16.66
N GLU A 37 -10.37 -1.52 17.83
CA GLU A 37 -10.99 -0.34 18.42
C GLU A 37 -10.86 0.87 17.49
N THR A 38 -9.68 1.07 16.92
CA THR A 38 -9.45 2.23 16.09
C THR A 38 -10.25 2.15 14.80
N SER A 39 -10.47 0.94 14.27
CA SER A 39 -11.27 0.80 13.07
C SER A 39 -12.73 1.17 13.31
N GLN A 40 -13.24 0.88 14.51
CA GLN A 40 -14.63 1.19 14.83
C GLN A 40 -14.84 2.69 15.00
N THR A 41 -13.98 3.34 15.77
CA THR A 41 -14.14 4.77 16.01
C THR A 41 -13.66 5.61 14.82
N GLY A 42 -12.67 5.12 14.08
CA GLY A 42 -12.02 5.94 13.09
C GLY A 42 -11.12 7.01 13.67
N ARG A 43 -10.86 6.97 14.98
CA ARG A 43 -10.03 7.97 15.63
C ARG A 43 -8.67 7.34 15.93
N ASP A 44 -7.62 7.86 15.29
CA ASP A 44 -6.26 7.32 15.42
C ASP A 44 -5.32 8.47 15.77
N LYS A 45 -4.88 8.51 17.02
CA LYS A 45 -3.98 9.56 17.50
C LYS A 45 -2.51 9.19 17.35
N ASN A 46 -2.19 8.03 16.80
CA ASN A 46 -0.81 7.61 16.67
C ASN A 46 -0.07 8.51 15.69
N GLN A 47 1.20 8.77 15.97
CA GLN A 47 2.04 9.51 15.04
C GLN A 47 2.37 8.63 13.84
N VAL A 48 2.37 9.24 12.66
CA VAL A 48 2.64 8.54 11.41
C VAL A 48 4.01 8.98 10.91
N GLU A 49 4.77 8.03 10.38
CA GLU A 49 6.07 8.31 9.78
C GLU A 49 6.26 7.46 8.54
N GLY A 50 7.11 7.93 7.64
CA GLY A 50 7.57 7.12 6.54
C GLY A 50 6.68 7.15 5.30
N GLU A 51 7.13 6.40 4.30
CA GLU A 51 6.48 6.37 2.99
C GLU A 51 5.51 5.20 2.83
N VAL A 52 5.82 4.05 3.41
CA VAL A 52 5.03 2.84 3.24
C VAL A 52 4.41 2.47 4.58
N GLN A 53 3.08 2.50 4.64
CA GLN A 53 2.34 2.14 5.83
C GLN A 53 1.83 0.70 5.69
N ILE A 54 1.79 -0.01 6.81
CA ILE A 54 1.06 -1.26 6.91
C ILE A 54 -0.32 -0.94 7.44
N VAL A 55 -1.35 -1.41 6.74
CA VAL A 55 -2.73 -1.06 7.05
C VAL A 55 -3.55 -2.32 7.21
N SER A 56 -4.63 -2.20 7.97
CA SER A 56 -5.48 -3.34 8.25
C SER A 56 -6.93 -2.89 8.34
N THR A 57 -7.84 -3.80 7.96
CA THR A 57 -9.25 -3.71 8.28
C THR A 57 -9.54 -4.74 9.37
N ALA A 58 -10.83 -4.98 9.61
CA ALA A 58 -11.19 -6.03 10.55
C ALA A 58 -10.81 -7.42 10.05
N THR A 59 -10.66 -7.59 8.73
CA THR A 59 -10.48 -8.90 8.15
C THR A 59 -9.28 -9.03 7.22
N GLN A 60 -8.65 -7.92 6.80
CA GLN A 60 -7.53 -8.01 5.89
C GLN A 60 -6.40 -7.10 6.33
N THR A 61 -5.19 -7.39 5.85
CA THR A 61 -4.04 -6.52 6.07
C THR A 61 -3.22 -6.42 4.79
N PHE A 62 -2.76 -5.22 4.49
CA PHE A 62 -2.05 -4.93 3.24
C PHE A 62 -1.19 -3.69 3.49
N LEU A 63 -0.77 -3.03 2.41
CA LEU A 63 0.11 -1.88 2.49
C LEU A 63 -0.55 -0.65 1.87
N ALA A 64 -0.02 0.52 2.22
CA ALA A 64 -0.41 1.79 1.63
C ALA A 64 0.84 2.63 1.43
N THR A 65 0.91 3.34 0.31
CA THR A 65 2.10 4.07 -0.09
C THR A 65 1.75 5.52 -0.40
N SER A 66 2.51 6.45 0.18
CA SER A 66 2.31 7.88 -0.06
C SER A 66 3.10 8.32 -1.27
N ILE A 67 2.42 8.90 -2.25
CA ILE A 67 3.06 9.49 -3.42
C ILE A 67 2.41 10.85 -3.66
N ASN A 68 3.22 11.91 -3.68
CA ASN A 68 2.76 13.26 -3.94
C ASN A 68 1.57 13.64 -3.08
N GLY A 69 1.68 13.37 -1.78
CA GLY A 69 0.69 13.82 -0.83
C GLY A 69 -0.58 13.00 -0.79
N VAL A 70 -0.61 11.84 -1.43
CA VAL A 70 -1.76 10.94 -1.40
C VAL A 70 -1.29 9.58 -0.93
N LEU A 71 -1.99 9.02 0.07
CA LEU A 71 -1.75 7.66 0.51
C LEU A 71 -2.56 6.70 -0.35
N TRP A 72 -1.87 5.97 -1.21
CA TRP A 72 -2.51 5.07 -2.17
C TRP A 72 -2.53 3.63 -1.66
N THR A 73 -3.58 2.90 -2.01
CA THR A 73 -3.66 1.47 -1.76
C THR A 73 -4.62 0.86 -2.77
N VAL A 74 -4.90 -0.44 -2.60
CA VAL A 74 -5.70 -1.20 -3.55
C VAL A 74 -7.16 -1.24 -3.11
N TYR A 75 -8.05 -1.22 -4.09
CA TYR A 75 -9.49 -1.29 -3.79
C TYR A 75 -9.89 -2.65 -3.24
N HIS A 76 -9.23 -3.72 -3.66
CA HIS A 76 -9.59 -5.04 -3.15
C HIS A 76 -9.18 -5.24 -1.70
N GLY A 77 -8.41 -4.31 -1.13
CA GLY A 77 -8.15 -4.32 0.29
C GLY A 77 -9.01 -3.33 1.04
N ALA A 78 -9.07 -2.09 0.55
CA ALA A 78 -9.72 -1.01 1.28
C ALA A 78 -11.19 -0.84 0.93
N GLY A 79 -11.63 -1.33 -0.22
CA GLY A 79 -12.97 -1.01 -0.69
C GLY A 79 -13.16 0.49 -0.76
N THR A 80 -14.35 0.95 -0.36
CA THR A 80 -14.66 2.37 -0.27
C THR A 80 -14.48 2.93 1.14
N ARG A 81 -13.70 2.23 1.97
CA ARG A 81 -13.62 2.56 3.39
C ARG A 81 -12.90 3.89 3.63
N THR A 82 -13.26 4.53 4.73
CA THR A 82 -12.50 5.64 5.28
C THR A 82 -11.24 5.12 5.97
N ILE A 83 -10.29 6.01 6.18
CA ILE A 83 -9.08 5.71 6.95
C ILE A 83 -9.16 6.45 8.27
N ALA A 84 -8.76 5.80 9.35
CA ALA A 84 -8.74 6.43 10.65
C ALA A 84 -7.66 7.51 10.71
N SER A 85 -7.92 8.56 11.47
CA SER A 85 -7.02 9.70 11.54
C SER A 85 -7.25 10.41 12.87
N PRO A 86 -6.37 11.35 13.23
CA PRO A 86 -6.50 12.01 14.55
C PRO A 86 -7.82 12.75 14.72
N LYS A 87 -8.46 13.17 13.65
CA LYS A 87 -9.71 13.91 13.71
C LYS A 87 -10.93 13.06 13.34
N GLY A 88 -10.74 11.77 13.16
CA GLY A 88 -11.83 10.88 12.81
C GLY A 88 -11.68 10.30 11.43
N PRO A 89 -12.69 9.56 10.97
CA PRO A 89 -12.58 8.91 9.66
C PRO A 89 -12.41 9.93 8.54
N VAL A 90 -11.57 9.60 7.57
CA VAL A 90 -11.31 10.46 6.43
C VAL A 90 -11.76 9.74 5.18
N THR A 91 -12.61 10.40 4.40
CA THR A 91 -13.18 9.81 3.19
C THR A 91 -12.14 9.74 2.09
N GLN A 92 -12.25 8.73 1.25
CA GLN A 92 -11.31 8.56 0.16
C GLN A 92 -11.35 9.76 -0.77
N MET A 93 -10.16 10.21 -1.16
CA MET A 93 -10.01 11.28 -2.14
C MET A 93 -10.09 10.76 -3.56
N TYR A 94 -9.70 9.52 -3.77
CA TYR A 94 -9.75 8.88 -5.07
C TYR A 94 -10.31 7.48 -4.89
N THR A 95 -11.10 7.04 -5.86
CA THR A 95 -11.64 5.68 -5.88
C THR A 95 -11.78 5.26 -7.33
N ASN A 96 -11.08 4.18 -7.74
CA ASN A 96 -11.18 3.68 -9.10
C ASN A 96 -11.13 2.15 -9.07
N VAL A 97 -12.30 1.51 -9.10
CA VAL A 97 -12.37 0.07 -9.09
C VAL A 97 -11.83 -0.54 -10.38
N ASP A 98 -11.83 0.21 -11.49
CA ASP A 98 -11.30 -0.31 -12.74
C ASP A 98 -9.80 -0.51 -12.66
N LYS A 99 -9.10 0.31 -11.89
CA LYS A 99 -7.66 0.15 -11.68
C LYS A 99 -7.32 -0.54 -10.37
N ASP A 100 -8.32 -0.88 -9.55
CA ASP A 100 -8.10 -1.46 -8.23
C ASP A 100 -7.33 -0.49 -7.33
N LEU A 101 -7.71 0.79 -7.40
CA LEU A 101 -6.94 1.86 -6.78
C LEU A 101 -7.84 2.76 -5.95
N VAL A 102 -7.37 3.10 -4.75
CA VAL A 102 -8.00 4.11 -3.92
C VAL A 102 -6.92 5.00 -3.34
N GLY A 103 -7.33 6.15 -2.82
CA GLY A 103 -6.41 7.07 -2.19
C GLY A 103 -7.07 8.00 -1.20
N TRP A 104 -6.35 8.32 -0.13
CA TRP A 104 -6.73 9.32 0.85
C TRP A 104 -5.64 10.39 0.90
N GLN A 105 -6.01 11.58 1.40
CA GLN A 105 -5.00 12.57 1.75
C GLN A 105 -3.95 11.95 2.67
N ALA A 106 -2.68 12.17 2.35
CA ALA A 106 -1.60 11.56 3.10
C ALA A 106 -1.62 12.05 4.54
N PRO A 107 -1.51 11.15 5.53
CA PRO A 107 -1.56 11.60 6.94
C PRO A 107 -0.44 12.56 7.28
N GLN A 108 -0.74 13.50 8.15
CA GLN A 108 0.27 14.41 8.68
C GLN A 108 1.40 13.61 9.32
N GLY A 109 2.62 13.89 8.91
CA GLY A 109 3.79 13.18 9.38
C GLY A 109 4.35 12.18 8.39
N SER A 110 3.54 11.70 7.46
CA SER A 110 4.04 10.80 6.43
C SER A 110 5.02 11.54 5.53
N ARG A 111 5.84 10.77 4.82
CA ARG A 111 6.70 11.26 3.77
C ARG A 111 6.23 10.66 2.45
N SER A 112 6.21 11.47 1.40
CA SER A 112 5.74 11.06 0.10
C SER A 112 6.91 10.72 -0.80
N LEU A 113 6.77 9.63 -1.56
CA LEU A 113 7.67 9.34 -2.66
C LEU A 113 7.34 10.25 -3.85
N THR A 114 8.36 10.54 -4.65
CA THR A 114 8.12 11.32 -5.86
C THR A 114 8.00 10.39 -7.06
N PRO A 115 7.11 10.68 -8.02
CA PRO A 115 6.96 9.77 -9.16
C PRO A 115 8.25 9.68 -9.95
N CYS A 116 8.54 8.48 -10.46
CA CYS A 116 9.76 8.26 -11.22
C CYS A 116 9.67 8.92 -12.59
N THR A 117 10.76 9.58 -12.98
CA THR A 117 10.91 10.15 -14.31
C THR A 117 12.09 9.54 -15.05
N CYS A 118 12.76 8.55 -14.45
CA CYS A 118 13.97 7.99 -15.04
C CYS A 118 13.69 7.11 -16.24
N GLY A 119 12.48 6.54 -16.35
CA GLY A 119 12.23 5.57 -17.39
C GLY A 119 13.02 4.28 -17.28
N SER A 120 13.55 3.99 -16.10
CA SER A 120 14.35 2.78 -15.92
C SER A 120 13.45 1.56 -15.76
N SER A 121 13.96 0.41 -16.22
CA SER A 121 13.25 -0.85 -16.15
C SER A 121 13.78 -1.76 -15.05
N ASP A 122 14.72 -1.28 -14.24
CA ASP A 122 15.29 -2.06 -13.14
C ASP A 122 14.60 -1.57 -11.87
N LEU A 123 13.65 -2.36 -11.38
CA LEU A 123 12.76 -1.95 -10.31
C LEU A 123 13.03 -2.76 -9.04
N TYR A 124 12.41 -2.31 -7.96
CA TYR A 124 12.55 -2.94 -6.65
C TYR A 124 11.21 -2.89 -5.95
N LEU A 125 10.69 -4.06 -5.57
CA LEU A 125 9.40 -4.16 -4.89
C LEU A 125 9.63 -4.29 -3.39
N VAL A 126 8.91 -3.47 -2.62
CA VAL A 126 8.99 -3.48 -1.16
C VAL A 126 7.78 -4.21 -0.60
N THR A 127 8.02 -5.26 0.18
CA THR A 127 6.97 -6.08 0.75
C THR A 127 6.68 -5.66 2.20
N ARG A 128 5.60 -6.22 2.74
CA ARG A 128 5.22 -5.90 4.12
C ARG A 128 6.23 -6.43 5.13
N HIS A 129 7.10 -7.36 4.73
CA HIS A 129 8.17 -7.86 5.58
C HIS A 129 9.46 -7.10 5.38
N ALA A 130 9.43 -6.00 4.63
CA ALA A 130 10.59 -5.18 4.34
C ALA A 130 11.62 -5.92 3.48
N ASP A 131 11.19 -6.93 2.73
CA ASP A 131 12.03 -7.45 1.65
C ASP A 131 12.03 -6.47 0.49
N VAL A 132 13.19 -6.29 -0.14
CA VAL A 132 13.32 -5.44 -1.32
C VAL A 132 13.67 -6.38 -2.48
N ILE A 133 12.69 -6.64 -3.34
CA ILE A 133 12.77 -7.70 -4.33
C ILE A 133 13.10 -7.07 -5.70
N PRO A 134 14.23 -7.40 -6.29
CA PRO A 134 14.50 -6.93 -7.66
C PRO A 134 13.45 -7.43 -8.63
N VAL A 135 12.93 -6.52 -9.44
CA VAL A 135 11.93 -6.81 -10.46
C VAL A 135 12.36 -6.11 -11.76
N ARG A 136 12.35 -6.85 -12.86
CA ARG A 136 12.61 -6.29 -14.18
C ARG A 136 11.27 -5.90 -14.82
N ARG A 137 11.13 -4.63 -15.17
CA ARG A 137 9.91 -4.19 -15.82
C ARG A 137 9.75 -4.89 -17.16
N ARG A 138 8.56 -5.42 -17.43
CA ARG A 138 8.25 -6.15 -18.64
C ARG A 138 7.15 -5.49 -19.46
N GLY A 139 6.52 -4.44 -18.95
CA GLY A 139 5.45 -3.76 -19.65
C GLY A 139 4.99 -2.57 -18.83
N ASP A 140 3.94 -1.92 -19.32
CA ASP A 140 3.42 -0.76 -18.60
C ASP A 140 3.01 -1.13 -17.17
N SER A 141 2.52 -2.36 -16.97
CA SER A 141 2.00 -2.75 -15.68
C SER A 141 2.47 -4.12 -15.24
N ARG A 142 3.60 -4.61 -15.75
CA ARG A 142 4.10 -5.94 -15.45
C ARG A 142 5.59 -5.87 -15.16
N GLY A 143 6.02 -6.72 -14.25
CA GLY A 143 7.44 -6.89 -13.95
C GLY A 143 7.68 -8.30 -13.48
N SER A 144 8.88 -8.82 -13.79
CA SER A 144 9.23 -10.19 -13.48
C SER A 144 10.17 -10.23 -12.29
N LEU A 145 9.91 -11.16 -11.38
CA LEU A 145 10.82 -11.36 -10.25
C LEU A 145 12.12 -11.96 -10.76
N LEU A 146 13.24 -11.35 -10.38
CA LEU A 146 14.54 -11.92 -10.74
C LEU A 146 14.75 -13.25 -10.06
N SER A 147 14.26 -13.40 -8.83
CA SER A 147 14.32 -14.66 -8.08
C SER A 147 12.89 -15.05 -7.70
N PRO A 148 12.23 -15.93 -8.45
CA PRO A 148 10.85 -16.32 -8.09
C PRO A 148 10.71 -16.80 -6.65
N ARG A 149 9.48 -16.72 -6.12
CA ARG A 149 9.18 -17.03 -4.72
C ARG A 149 7.77 -17.54 -4.67
N PRO A 150 7.43 -18.38 -3.67
CA PRO A 150 6.03 -18.75 -3.46
C PRO A 150 5.19 -17.48 -3.27
N ILE A 151 3.94 -17.54 -3.73
CA ILE A 151 3.07 -16.38 -3.60
C ILE A 151 2.85 -16.00 -2.14
N SER A 152 3.06 -16.96 -1.23
CA SER A 152 2.92 -16.68 0.19
C SER A 152 3.78 -15.50 0.62
N TYR A 153 4.95 -15.33 0.00
CA TYR A 153 5.84 -14.25 0.39
C TYR A 153 5.35 -12.90 -0.09
N LEU A 154 4.45 -12.86 -1.09
CA LEU A 154 3.91 -11.60 -1.58
C LEU A 154 2.54 -11.25 -1.01
N LYS A 155 1.83 -12.25 -0.46
CA LYS A 155 0.50 -12.01 0.08
C LYS A 155 0.56 -10.96 1.16
N GLY A 156 -0.36 -10.00 1.10
CA GLY A 156 -0.40 -8.91 2.05
C GLY A 156 0.48 -7.72 1.73
N SER A 157 1.08 -7.70 0.55
CA SER A 157 1.93 -6.60 0.13
C SER A 157 1.29 -5.73 -0.95
N SER A 158 0.08 -6.04 -1.38
CA SER A 158 -0.63 -5.14 -2.28
C SER A 158 -0.68 -3.76 -1.66
N GLY A 159 -0.58 -2.73 -2.52
CA GLY A 159 -0.48 -1.37 -2.05
C GLY A 159 0.92 -0.88 -1.79
N GLY A 160 1.90 -1.77 -1.79
CA GLY A 160 3.29 -1.38 -1.62
C GLY A 160 3.88 -0.85 -2.91
N PRO A 161 5.07 -0.29 -2.80
CA PRO A 161 5.68 0.39 -3.95
C PRO A 161 6.64 -0.48 -4.75
N LEU A 162 6.63 -0.21 -6.06
CA LEU A 162 7.74 -0.56 -6.94
C LEU A 162 8.57 0.70 -7.14
N LEU A 163 9.86 0.61 -6.85
CA LEU A 163 10.77 1.75 -6.91
C LEU A 163 11.80 1.57 -8.00
N CYS A 164 12.29 2.71 -8.52
CA CYS A 164 13.37 2.72 -9.48
C CYS A 164 14.70 2.73 -8.73
N PRO A 165 15.85 2.66 -9.42
CA PRO A 165 17.13 2.72 -8.70
C PRO A 165 17.29 3.97 -7.87
N ALA A 166 16.70 5.09 -8.29
CA ALA A 166 16.84 6.35 -7.57
C ALA A 166 15.86 6.49 -6.41
N GLY A 167 15.06 5.48 -6.13
CA GLY A 167 14.11 5.55 -5.04
C GLY A 167 12.79 6.22 -5.36
N HIS A 168 12.49 6.42 -6.65
CA HIS A 168 11.24 7.04 -7.06
C HIS A 168 10.14 6.00 -7.20
N ALA A 169 8.89 6.44 -7.03
CA ALA A 169 7.74 5.54 -7.13
C ALA A 169 7.49 5.21 -8.59
N VAL A 170 7.49 3.93 -8.93
CA VAL A 170 7.23 3.50 -10.29
C VAL A 170 5.82 2.94 -10.41
N GLY A 171 5.30 2.38 -9.32
CA GLY A 171 3.96 1.83 -9.37
C GLY A 171 3.53 1.31 -8.01
N ILE A 172 2.27 0.88 -7.95
CA ILE A 172 1.68 0.30 -6.74
C ILE A 172 1.38 -1.18 -7.02
N PHE A 173 1.92 -2.05 -6.17
CA PHE A 173 1.74 -3.49 -6.32
C PHE A 173 0.27 -3.88 -6.22
N ARG A 174 -0.22 -4.58 -7.24
CA ARG A 174 -1.63 -4.90 -7.35
C ARG A 174 -1.92 -6.39 -7.30
N ALA A 175 -1.22 -7.19 -8.10
CA ALA A 175 -1.53 -8.61 -8.17
C ALA A 175 -0.28 -9.39 -8.54
N ALA A 176 -0.30 -10.69 -8.23
CA ALA A 176 0.81 -11.59 -8.47
C ALA A 176 0.46 -12.58 -9.56
N VAL A 177 1.38 -12.78 -10.51
CA VAL A 177 1.24 -13.76 -11.57
C VAL A 177 2.02 -15.00 -11.16
N SER A 178 1.31 -16.11 -10.96
CA SER A 178 1.92 -17.32 -10.46
C SER A 178 1.45 -18.53 -11.24
N THR A 179 2.30 -19.55 -11.29
CA THR A 179 1.94 -20.87 -11.81
C THR A 179 2.48 -21.90 -10.83
N ARG A 180 1.61 -22.78 -10.35
CA ARG A 180 1.99 -23.80 -9.36
C ARG A 180 2.41 -23.14 -8.06
N GLY A 181 1.75 -22.04 -7.71
CA GLY A 181 2.00 -21.34 -6.47
C GLY A 181 3.29 -20.55 -6.39
N VAL A 182 4.12 -20.58 -7.43
CA VAL A 182 5.36 -19.82 -7.45
C VAL A 182 5.12 -18.52 -8.22
N ALA A 183 5.44 -17.41 -7.58
CA ALA A 183 5.27 -16.09 -8.20
C ALA A 183 6.42 -15.86 -9.18
N LYS A 184 6.09 -15.65 -10.45
CA LYS A 184 7.09 -15.33 -11.46
C LYS A 184 7.06 -13.88 -11.89
N ALA A 185 5.91 -13.20 -11.75
CA ALA A 185 5.79 -11.82 -12.19
C ALA A 185 4.74 -11.11 -11.35
N VAL A 186 4.76 -9.78 -11.42
CA VAL A 186 3.85 -8.94 -10.66
C VAL A 186 3.09 -8.03 -11.61
N ASP A 187 1.86 -7.72 -11.24
CA ASP A 187 1.03 -6.73 -11.90
C ASP A 187 0.93 -5.53 -10.97
N PHE A 188 1.13 -4.33 -11.52
CA PHE A 188 1.14 -3.14 -10.68
C PHE A 188 0.45 -1.98 -11.41
N ILE A 189 -0.05 -1.04 -10.60
CA ILE A 189 -0.64 0.20 -11.09
C ILE A 189 0.50 1.16 -11.41
N PRO A 190 0.72 1.51 -12.67
CA PRO A 190 1.82 2.44 -12.99
C PRO A 190 1.59 3.80 -12.35
N VAL A 191 2.70 4.44 -11.96
CA VAL A 191 2.60 5.75 -11.31
C VAL A 191 1.91 6.76 -12.23
N GLU A 192 2.02 6.57 -13.54
CA GLU A 192 1.36 7.51 -14.46
C GLU A 192 -0.16 7.46 -14.35
N SER A 193 -0.72 6.28 -14.06
CA SER A 193 -2.15 6.20 -13.78
C SER A 193 -2.50 7.02 -12.55
N LEU A 194 -1.64 6.99 -11.54
CA LEU A 194 -1.85 7.85 -10.38
C LEU A 194 -1.77 9.32 -10.77
N GLU A 195 -0.71 9.71 -11.46
CA GLU A 195 -0.53 11.11 -11.86
C GLU A 195 -1.68 11.57 -12.74
N THR A 196 -2.25 10.66 -13.55
CA THR A 196 -3.44 11.01 -14.33
C THR A 196 -4.64 11.24 -13.41
N THR A 197 -4.90 10.29 -12.53
CA THR A 197 -6.01 10.44 -11.59
C THR A 197 -5.91 11.74 -10.82
N MET A 198 -4.70 12.15 -10.47
CA MET A 198 -4.51 13.37 -9.69
C MET A 198 -4.70 14.61 -10.55
ZN ZN B . 13.26 7.08 -11.40
C10 ZJJ C . -3.94 -11.71 -7.29
C17 ZJJ C . -4.02 -11.30 -12.57
C21 ZJJ C . -7.67 -8.16 -8.14
C24 ZJJ C . -9.42 -5.86 -8.78
C26 ZJJ C . -7.35 -7.24 -9.33
C28 ZJJ C . -11.89 -5.33 -7.03
C01 ZJJ C . -5.15 -9.62 -5.87
C02 ZJJ C . -6.66 -9.48 -5.53
C03 ZJJ C . -7.20 -9.93 -6.63
C04 ZJJ C . -6.45 -11.43 -6.79
C06 ZJJ C . -4.16 -9.91 -4.91
C09 ZJJ C . -1.84 -9.16 -3.99
C11 ZJJ C . -4.10 -13.06 -8.02
C14 ZJJ C . -4.10 -12.12 -10.37
C18 ZJJ C . -3.40 -14.16 -7.21
C19 ZJJ C . -4.00 -14.24 -5.77
C23 ZJJ C . -9.73 -6.77 -7.62
C27 ZJJ C . -10.97 -6.52 -6.73
C29 ZJJ C . -11.58 -4.41 -8.21
C30 ZJJ C . -10.36 -4.65 -9.09
C32 ZJJ C . -13.40 -6.18 -5.43
C33 ZJJ C . -6.12 -7.50 -10.22
C34 ZJJ C . -2.11 -9.13 -2.48
C40 ZJJ C . -5.38 -8.66 0.14
C41 ZJJ C . -5.70 -8.03 1.51
C42 ZJJ C . -5.87 -7.21 0.22
C43 ZJJ C . -6.40 -9.68 -0.36
C44 ZJJ C . -0.93 -10.38 -4.26
C45 ZJJ C . -0.12 -11.45 -3.51
C46 ZJJ C . -0.48 -12.74 -3.56
C47 ZJJ C . -1.72 -13.17 -4.36
C48 ZJJ C . -1.72 -14.68 -4.64
C49 ZJJ C . -0.34 -8.97 -4.21
C50 ZJJ C . -3.16 -15.23 -4.89
C51 ZJJ C . -4.11 -9.79 -12.58
C52 ZJJ C . -3.49 -9.78 -13.97
C53 ZJJ C . -3.15 -11.24 -13.82
F54 ZJJ C . -4.42 -9.56 -14.95
F55 ZJJ C . -2.39 -8.97 -14.05
N05 ZJJ C . -5.14 -10.99 -6.74
N08 ZJJ C . -3.04 -8.97 -4.85
N13 ZJJ C . -3.49 -12.97 -9.33
N22 ZJJ C . -8.84 -7.89 -7.32
N25 ZJJ C . -8.22 -6.12 -9.62
N35 ZJJ C . -3.43 -8.90 -1.95
O07 ZJJ C . -4.20 -10.85 -4.22
O12 ZJJ C . -2.86 -11.20 -7.13
O15 ZJJ C . -3.32 -11.79 -11.52
O16 ZJJ C . -5.23 -11.74 -10.25
O20 ZJJ C . -6.83 -9.26 -7.85
O31 ZJJ C . -13.01 -5.09 -6.22
O36 ZJJ C . -1.22 -9.24 -1.70
O38 ZJJ C . -2.79 -7.79 0.31
O39 ZJJ C . -3.11 -10.08 0.36
S37 ZJJ C . -3.61 -8.84 -0.27
H171 ZJJ C . -4.88 -11.72 -12.69
H011 ZJJ C . -4.96 -8.74 -6.22
H022 ZJJ C . -6.91 -10.03 -4.77
H021 ZJJ C . -6.91 -8.55 -5.37
H031 ZJJ C . -8.17 -9.89 -6.51
H041 ZJJ C . -6.66 -11.85 -7.63
H042 ZJJ C . -6.64 -12.02 -6.04
H111 ZJJ C . -5.03 -13.27 -8.13
H182 ZJJ C . -3.53 -15.02 -7.66
H181 ZJJ C . -2.45 -13.97 -7.15
H191 ZJJ C . -3.99 -13.36 -5.37
H192 ZJJ C . -4.92 -14.56 -5.82
H271 ZJJ C . -11.16 -7.09 -6.02
H291 ZJJ C . -12.14 -3.69 -8.40
H301 ZJJ C . -10.18 -4.09 -9.80
H321 ZJJ C . -13.52 -6.97 -5.99
H323 ZJJ C . -14.25 -5.97 -4.99
H322 ZJJ C . -12.72 -6.37 -4.76
H333 ZJJ C . -6.19 -8.39 -10.61
H332 ZJJ C . -5.32 -7.44 -9.68
H331 ZJJ C . -6.09 -6.83 -10.92
H412 ZJJ C . -6.52 -8.34 1.92
H411 ZJJ C . -4.93 -7.80 2.05
H422 ZJJ C . -6.79 -7.07 -0.06
H421 ZJJ C . -5.21 -6.53 0.07
H431 ZJJ C . -5.94 -10.43 -0.77
H433 ZJJ C . -6.95 -10.00 0.37
H432 ZJJ C . -6.97 -9.27 -1.03
H441 ZJJ C . -1.08 -10.66 -5.17
H451 ZJJ C . 0.63 -11.20 -3.01
H461 ZJJ C . 0.03 -13.38 -3.12
H472 ZJJ C . -1.74 -12.69 -5.21
H471 ZJJ C . -2.52 -12.93 -3.86
H482 ZJJ C . -1.18 -14.86 -5.42
H481 ZJJ C . -1.34 -15.13 -3.87
H491 ZJJ C . 0.18 -8.76 -3.41
H492 ZJJ C . -0.08 -8.59 -5.08
H502 ZJJ C . -3.09 -16.08 -5.33
H501 ZJJ C . -3.60 -15.34 -4.03
H511 ZJJ C . -3.54 -9.37 -11.91
H512 ZJJ C . -5.03 -9.47 -12.58
H532 ZJJ C . -3.51 -11.78 -14.54
H531 ZJJ C . -2.22 -11.40 -13.63
H081 ZJJ C . -3.07 -8.27 -5.35
H131 ZJJ C . -2.77 -13.41 -9.50
H351 ZJJ C . -4.11 -8.79 -2.48
C1 EDO D . -3.26 0.45 -14.58
O1 EDO D . -4.38 1.11 -14.02
C2 EDO D . -3.70 -0.68 -15.48
O2 EDO D . -2.57 -1.45 -15.88
H11 EDO D . -2.66 1.16 -15.15
H12 EDO D . -2.63 0.05 -13.78
HO1 EDO D . -4.17 2.04 -13.87
H21 EDO D . -4.42 -1.32 -14.95
H22 EDO D . -4.22 -0.27 -16.36
HO2 EDO D . -2.81 -2.00 -16.65
S SO4 E . -14.51 -7.12 3.43
O1 SO4 E . -13.45 -6.12 3.60
O2 SO4 E . -15.24 -6.85 2.18
O3 SO4 E . -15.45 -7.03 4.55
O4 SO4 E . -13.91 -8.45 3.39
#